data_3PPY
#
_entry.id   3PPY
#
_cell.length_a   72.516
_cell.length_b   72.516
_cell.length_c   76.140
_cell.angle_alpha   90.00
_cell.angle_beta   90.00
_cell.angle_gamma   120.00
#
_symmetry.space_group_name_H-M   'P 65'
#
loop_
_entity.id
_entity.type
_entity.pdbx_description
1 polymer 'von Willebrand factor'
2 non-polymer 'SODIUM ION'
3 water water
#
_entity_poly.entity_id   1
_entity_poly.type   'polypeptide(L)'
_entity_poly.pdbx_seq_one_letter_code
;MLGPKRCSMVLDVAFVLEGSDKIGEADFNRSKEFMEEVIQRMDVGQDSIHVTVLQYSYMVTVEYPFSEAQSKGDILQRVR
EIRYQGGNRTNTGLALRYLSDHSFLVSQGAREQAPALVYMVTGNPASDEIKRLPGDIQVVPIGVGPNANVQELERIGWPN
APILIQDFETLPREAPDLVLQRCSSGEGLEHHHHHH
;
_entity_poly.pdbx_strand_id   A
#
loop_
_chem_comp.id
_chem_comp.type
_chem_comp.name
_chem_comp.formula
NA non-polymer 'SODIUM ION' 'Na 1'
#
# COMPACT_ATOMS: atom_id res chain seq x y z
N PRO A 4 14.51 14.09 -9.55
CA PRO A 4 13.47 13.37 -8.82
C PRO A 4 13.93 11.96 -8.45
N LYS A 5 13.65 11.54 -7.22
CA LYS A 5 14.05 10.22 -6.72
C LYS A 5 13.39 9.09 -7.51
N ARG A 6 14.19 8.11 -7.90
CA ARG A 6 13.74 7.02 -8.77
C ARG A 6 13.91 5.66 -8.11
N CYS A 7 13.05 4.72 -8.49
CA CYS A 7 13.16 3.33 -8.05
C CYS A 7 13.04 2.40 -9.25
N SER A 8 14.16 1.77 -9.59
CA SER A 8 14.23 0.81 -10.69
C SER A 8 14.94 -0.45 -10.22
N MET A 9 14.16 -1.49 -9.99
CA MET A 9 14.66 -2.76 -9.45
C MET A 9 13.60 -3.84 -9.63
N VAL A 10 14.01 -5.09 -9.43
CA VAL A 10 13.08 -6.20 -9.36
C VAL A 10 12.44 -6.19 -7.96
N LEU A 11 11.16 -5.85 -7.92
CA LEU A 11 10.45 -5.65 -6.66
C LEU A 11 8.96 -5.90 -6.87
N ASP A 12 8.35 -6.61 -5.94
CA ASP A 12 6.90 -6.78 -5.92
C ASP A 12 6.30 -5.83 -4.88
N VAL A 13 5.63 -4.78 -5.37
CA VAL A 13 5.06 -3.74 -4.50
C VAL A 13 3.54 -3.86 -4.37
N ALA A 14 3.06 -3.81 -3.13
CA ALA A 14 1.63 -3.77 -2.84
C ALA A 14 1.20 -2.42 -2.30
N PHE A 15 0.08 -1.91 -2.80
CA PHE A 15 -0.57 -0.73 -2.22
C PHE A 15 -1.85 -1.19 -1.56
N VAL A 16 -2.02 -0.84 -0.29
CA VAL A 16 -3.19 -1.22 0.48
C VAL A 16 -3.84 0.05 1.01
N LEU A 17 -5.04 0.34 0.51
CA LEU A 17 -5.74 1.57 0.85
C LEU A 17 -6.97 1.31 1.70
N GLU A 18 -7.05 1.96 2.85
CA GLU A 18 -8.27 1.95 3.64
C GLU A 18 -9.36 2.75 2.93
N GLY A 19 -10.49 2.11 2.68
CA GLY A 19 -11.62 2.76 2.01
C GLY A 19 -12.88 2.69 2.84
N SER A 20 -12.73 2.96 4.14
CA SER A 20 -13.84 2.91 5.09
C SER A 20 -14.63 4.22 5.08
N ASP A 21 -15.81 4.20 5.72
CA ASP A 21 -16.65 5.39 5.91
C ASP A 21 -15.92 6.47 6.71
N LYS A 22 -15.08 6.05 7.65
CA LYS A 22 -14.27 6.98 8.44
C LYS A 22 -13.26 7.75 7.59
N ILE A 23 -12.76 7.10 6.54
CA ILE A 23 -11.92 7.78 5.55
C ILE A 23 -12.76 8.77 4.75
N GLY A 24 -13.86 8.28 4.17
CA GLY A 24 -14.73 9.11 3.34
C GLY A 24 -14.28 9.11 1.89
N GLU A 25 -15.23 9.36 0.98
CA GLU A 25 -14.95 9.34 -0.45
C GLU A 25 -13.84 10.34 -0.86
N ALA A 26 -13.92 11.57 -0.32
CA ALA A 26 -12.97 12.62 -0.65
C ALA A 26 -11.53 12.28 -0.27
N ASP A 27 -11.34 11.78 0.94
CA ASP A 27 -10.00 11.40 1.40
C ASP A 27 -9.48 10.13 0.73
N PHE A 28 -10.38 9.20 0.41
CA PHE A 28 -10.01 8.01 -0.37
C PHE A 28 -9.51 8.38 -1.76
N ASN A 29 -10.15 9.37 -2.39
CA ASN A 29 -9.72 9.86 -3.70
C ASN A 29 -8.33 10.47 -3.65
N ARG A 30 -8.01 11.12 -2.52
CA ARG A 30 -6.66 11.65 -2.28
C ARG A 30 -5.64 10.53 -2.09
N SER A 31 -6.06 9.43 -1.47
CA SER A 31 -5.22 8.23 -1.34
C SER A 31 -4.97 7.58 -2.71
N LYS A 32 -6.00 7.54 -3.54
CA LYS A 32 -5.88 7.07 -4.93
C LYS A 32 -4.89 7.92 -5.72
N GLU A 33 -5.00 9.24 -5.55
CA GLU A 33 -4.13 10.19 -6.27
C GLU A 33 -2.67 10.11 -5.80
N PHE A 34 -2.48 9.90 -4.50
CA PHE A 34 -1.17 9.58 -3.95
C PHE A 34 -0.59 8.33 -4.63
N MET A 35 -1.40 7.29 -4.71
CA MET A 35 -0.98 6.00 -5.28
C MET A 35 -0.64 6.10 -6.77
N GLU A 36 -1.48 6.84 -7.50
CA GLU A 36 -1.24 7.11 -8.93
C GLU A 36 0.09 7.79 -9.17
N GLU A 37 0.40 8.78 -8.34
CA GLU A 37 1.65 9.53 -8.45
C GLU A 37 2.87 8.64 -8.19
N VAL A 38 2.76 7.76 -7.20
CA VAL A 38 3.84 6.83 -6.86
C VAL A 38 4.11 5.86 -8.01
N ILE A 39 3.04 5.26 -8.55
CA ILE A 39 3.13 4.31 -9.66
C ILE A 39 3.75 4.97 -10.90
N GLN A 40 3.36 6.23 -11.15
CA GLN A 40 3.92 7.02 -12.24
C GLN A 40 5.43 7.23 -12.12
N ARG A 41 5.91 7.44 -10.90
CA ARG A 41 7.34 7.67 -10.66
C ARG A 41 8.14 6.37 -10.62
N MET A 42 7.48 5.27 -10.23
CA MET A 42 8.13 3.96 -10.17
C MET A 42 8.40 3.40 -11.57
N ASP A 43 9.51 2.68 -11.71
CA ASP A 43 9.81 1.96 -12.94
C ASP A 43 9.00 0.66 -13.00
N VAL A 44 7.71 0.81 -13.27
CA VAL A 44 6.80 -0.33 -13.36
C VAL A 44 6.91 -0.95 -14.75
N GLY A 45 7.19 -2.26 -14.78
CA GLY A 45 7.35 -2.99 -16.03
C GLY A 45 7.49 -4.47 -15.76
N GLN A 46 7.45 -5.28 -16.81
CA GLN A 46 7.48 -6.73 -16.70
C GLN A 46 8.79 -7.27 -16.10
N ASP A 47 9.88 -6.55 -16.35
CA ASP A 47 11.21 -6.98 -15.86
C ASP A 47 11.70 -6.16 -14.67
N SER A 48 10.89 -5.22 -14.20
CA SER A 48 11.26 -4.36 -13.07
C SER A 48 10.24 -4.46 -11.93
N ILE A 49 9.64 -3.32 -11.56
CA ILE A 49 8.67 -3.29 -10.47
C ILE A 49 7.31 -3.82 -10.91
N HIS A 50 6.75 -4.71 -10.08
CA HIS A 50 5.38 -5.20 -10.26
C HIS A 50 4.49 -4.63 -9.17
N VAL A 51 3.21 -4.44 -9.49
CA VAL A 51 2.27 -3.78 -8.58
C VAL A 51 1.00 -4.59 -8.37
N THR A 52 0.63 -4.76 -7.11
CA THR A 52 -0.72 -5.20 -6.74
C THR A 52 -1.39 -4.11 -5.91
N VAL A 53 -2.70 -3.98 -6.07
CA VAL A 53 -3.47 -2.96 -5.36
C VAL A 53 -4.61 -3.62 -4.59
N LEU A 54 -4.75 -3.23 -3.32
CA LEU A 54 -5.83 -3.71 -2.46
C LEU A 54 -6.56 -2.53 -1.81
N GLN A 55 -7.87 -2.67 -1.69
CA GLN A 55 -8.69 -1.74 -0.91
C GLN A 55 -9.40 -2.53 0.18
N TYR A 56 -9.43 -1.98 1.39
CA TYR A 56 -10.08 -2.67 2.49
C TYR A 56 -10.91 -1.76 3.38
N SER A 57 -11.94 -2.36 3.99
CA SER A 57 -12.71 -1.75 5.07
C SER A 57 -13.41 -2.87 5.83
N TYR A 58 -14.65 -3.16 5.44
CA TYR A 58 -15.39 -4.30 5.98
C TYR A 58 -14.77 -5.60 5.43
N MET A 59 -14.49 -5.61 4.14
CA MET A 59 -13.82 -6.72 3.48
C MET A 59 -12.62 -6.20 2.68
N VAL A 60 -11.87 -7.13 2.09
CA VAL A 60 -10.69 -6.77 1.31
C VAL A 60 -10.91 -7.08 -0.17
N THR A 61 -10.71 -6.09 -1.02
CA THR A 61 -10.84 -6.24 -2.47
C THR A 61 -9.47 -6.17 -3.12
N VAL A 62 -9.12 -7.24 -3.84
CA VAL A 62 -7.94 -7.21 -4.69
C VAL A 62 -8.34 -6.44 -5.96
N GLU A 63 -7.90 -5.20 -6.03
CA GLU A 63 -8.25 -4.32 -7.16
C GLU A 63 -7.40 -4.64 -8.38
N TYR A 64 -6.20 -5.14 -8.16
CA TYR A 64 -5.28 -5.55 -9.22
C TYR A 64 -4.28 -6.56 -8.68
N PRO A 65 -4.30 -7.81 -9.17
CA PRO A 65 -3.33 -8.80 -8.71
C PRO A 65 -2.01 -8.72 -9.48
N PHE A 66 -0.96 -9.33 -8.92
CA PHE A 66 0.33 -9.43 -9.60
C PHE A 66 0.23 -10.23 -10.91
N SER A 67 -0.74 -11.15 -10.96
CA SER A 67 -0.91 -12.07 -12.09
C SER A 67 -1.43 -11.40 -13.38
N GLU A 68 -1.98 -10.20 -13.24
CA GLU A 68 -2.44 -9.44 -14.40
C GLU A 68 -1.30 -8.61 -14.99
N ALA A 69 -1.48 -8.18 -16.24
CA ALA A 69 -0.45 -7.48 -17.03
C ALA A 69 0.27 -6.39 -16.24
N GLN A 70 1.60 -6.49 -16.20
CA GLN A 70 2.42 -5.57 -15.43
C GLN A 70 3.03 -4.47 -16.29
N SER A 71 2.16 -3.67 -16.88
CA SER A 71 2.54 -2.43 -17.55
C SER A 71 1.92 -1.28 -16.79
N LYS A 72 2.62 -0.15 -16.78
CA LYS A 72 2.17 1.04 -16.07
C LYS A 72 0.78 1.49 -16.51
N GLY A 73 0.54 1.47 -17.83
CA GLY A 73 -0.74 1.86 -18.42
C GLY A 73 -1.92 1.02 -17.97
N ASP A 74 -1.73 -0.29 -17.95
CA ASP A 74 -2.78 -1.23 -17.52
C ASP A 74 -3.11 -1.09 -16.04
N ILE A 75 -2.07 -0.84 -15.24
CA ILE A 75 -2.25 -0.66 -13.80
C ILE A 75 -2.96 0.66 -13.48
N LEU A 76 -2.47 1.76 -14.06
CA LEU A 76 -3.04 3.09 -13.81
C LEU A 76 -4.50 3.22 -14.25
N GLN A 77 -4.87 2.53 -15.33
CA GLN A 77 -6.25 2.59 -15.81
C GLN A 77 -7.21 1.81 -14.89
N ARG A 78 -6.75 0.68 -14.35
CA ARG A 78 -7.50 -0.04 -13.34
C ARG A 78 -7.65 0.81 -12.08
N VAL A 79 -6.57 1.50 -11.71
CA VAL A 79 -6.58 2.41 -10.54
C VAL A 79 -7.64 3.50 -10.69
N ARG A 80 -7.74 4.08 -11.88
CA ARG A 80 -8.78 5.09 -12.17
C ARG A 80 -10.19 4.53 -12.01
N GLU A 81 -10.34 3.24 -12.32
CA GLU A 81 -11.62 2.55 -12.23
C GLU A 81 -12.02 2.15 -10.81
N ILE A 82 -11.05 2.18 -9.88
CA ILE A 82 -11.29 1.80 -8.49
C ILE A 82 -12.37 2.67 -7.85
N ARG A 83 -13.37 2.00 -7.26
CA ARG A 83 -14.47 2.69 -6.60
C ARG A 83 -14.39 2.57 -5.08
N TYR A 84 -14.56 3.70 -4.42
CA TYR A 84 -14.63 3.81 -2.96
C TYR A 84 -15.74 2.90 -2.43
N GLN A 85 -15.38 1.97 -1.54
CA GLN A 85 -16.36 1.04 -0.98
C GLN A 85 -17.16 1.61 0.20
N GLY A 86 -16.47 2.33 1.07
CA GLY A 86 -17.11 3.03 2.20
C GLY A 86 -17.67 2.16 3.31
N GLY A 87 -16.97 1.08 3.64
CA GLY A 87 -17.41 0.15 4.68
C GLY A 87 -17.40 0.68 6.10
N ASN A 88 -18.07 -0.06 6.99
CA ASN A 88 -18.26 0.34 8.39
C ASN A 88 -17.20 -0.22 9.35
N ARG A 89 -16.12 -0.78 8.81
CA ARG A 89 -15.04 -1.35 9.61
C ARG A 89 -13.68 -0.97 9.04
N THR A 90 -12.64 -1.09 9.88
CA THR A 90 -11.25 -0.94 9.44
C THR A 90 -10.54 -2.26 9.74
N ASN A 91 -10.76 -3.24 8.88
CA ASN A 91 -10.24 -4.58 9.11
C ASN A 91 -8.80 -4.77 8.58
N THR A 92 -7.87 -4.07 9.24
CA THR A 92 -6.47 -4.05 8.84
C THR A 92 -5.80 -5.42 8.94
N GLY A 93 -6.17 -6.17 9.98
CA GLY A 93 -5.65 -7.52 10.18
C GLY A 93 -6.00 -8.44 9.04
N LEU A 94 -7.22 -8.30 8.52
CA LEU A 94 -7.68 -9.11 7.38
C LEU A 94 -6.89 -8.74 6.11
N ALA A 95 -6.65 -7.44 5.92
CA ALA A 95 -5.86 -6.95 4.80
C ALA A 95 -4.43 -7.51 4.84
N LEU A 96 -3.85 -7.58 6.04
CA LEU A 96 -2.51 -8.13 6.23
C LEU A 96 -2.48 -9.63 5.93
N ARG A 97 -3.53 -10.34 6.37
CA ARG A 97 -3.67 -11.78 6.08
C ARG A 97 -3.77 -12.04 4.58
N TYR A 98 -4.48 -11.18 3.85
CA TYR A 98 -4.53 -11.24 2.38
C TYR A 98 -3.14 -11.18 1.77
N LEU A 99 -2.29 -10.29 2.28
CA LEU A 99 -0.94 -10.09 1.76
C LEU A 99 -0.09 -11.36 1.90
N SER A 100 -0.07 -11.93 3.11
CA SER A 100 0.75 -13.12 3.38
C SER A 100 0.18 -14.41 2.80
N ASP A 101 -1.13 -14.52 2.78
CA ASP A 101 -1.80 -15.78 2.41
C ASP A 101 -2.38 -15.79 1.00
N HIS A 102 -2.23 -14.69 0.26
CA HIS A 102 -2.79 -14.60 -1.10
C HIS A 102 -1.95 -13.72 -2.04
N SER A 103 -1.87 -12.42 -1.73
CA SER A 103 -1.25 -11.44 -2.63
C SER A 103 0.18 -11.77 -3.07
N PHE A 104 1.00 -12.22 -2.13
CA PHE A 104 2.41 -12.45 -2.39
C PHE A 104 2.78 -13.91 -2.69
N LEU A 105 1.77 -14.72 -3.00
CA LEU A 105 2.01 -16.10 -3.43
C LEU A 105 2.41 -16.13 -4.89
N VAL A 106 3.32 -17.05 -5.23
CA VAL A 106 3.75 -17.26 -6.61
C VAL A 106 2.55 -17.65 -7.49
N SER A 107 1.62 -18.41 -6.92
CA SER A 107 0.40 -18.83 -7.61
C SER A 107 -0.53 -17.66 -7.96
N GLN A 108 -0.29 -16.51 -7.34
CA GLN A 108 -1.09 -15.31 -7.61
C GLN A 108 -0.28 -14.22 -8.34
N GLY A 109 0.87 -14.60 -8.87
CA GLY A 109 1.65 -13.73 -9.75
C GLY A 109 2.94 -13.15 -9.18
N ALA A 110 3.18 -13.37 -7.89
CA ALA A 110 4.40 -12.88 -7.24
C ALA A 110 5.62 -13.63 -7.73
N ARG A 111 6.75 -12.92 -7.81
CA ARG A 111 8.00 -13.52 -8.25
C ARG A 111 8.80 -14.07 -7.07
N GLU A 112 9.29 -15.29 -7.22
CA GLU A 112 10.02 -16.00 -6.17
C GLU A 112 11.30 -15.27 -5.74
N GLN A 113 11.96 -14.63 -6.70
CA GLN A 113 13.23 -13.94 -6.44
C GLN A 113 13.08 -12.48 -5.98
N ALA A 114 11.88 -11.92 -6.20
CA ALA A 114 11.63 -10.52 -5.89
C ALA A 114 11.37 -10.26 -4.41
N PRO A 115 12.00 -9.23 -3.84
CA PRO A 115 11.65 -8.77 -2.49
C PRO A 115 10.21 -8.22 -2.47
N ALA A 116 9.59 -8.27 -1.30
CA ALA A 116 8.20 -7.87 -1.13
C ALA A 116 8.09 -6.59 -0.30
N LEU A 117 7.37 -5.60 -0.82
CA LEU A 117 7.22 -4.31 -0.14
C LEU A 117 5.78 -3.83 -0.19
N VAL A 118 5.27 -3.39 0.96
CA VAL A 118 3.89 -2.96 1.09
C VAL A 118 3.80 -1.53 1.60
N TYR A 119 3.07 -0.68 0.89
CA TYR A 119 2.72 0.64 1.40
C TYR A 119 1.24 0.67 1.76
N MET A 120 0.95 0.77 3.04
CA MET A 120 -0.41 0.68 3.55
C MET A 120 -0.88 2.03 4.11
N VAL A 121 -1.90 2.60 3.48
CA VAL A 121 -2.43 3.90 3.88
C VAL A 121 -3.66 3.70 4.76
N THR A 122 -3.56 4.13 6.01
CA THR A 122 -4.64 3.98 6.97
C THR A 122 -4.77 5.23 7.85
N GLY A 123 -6.00 5.53 8.26
CA GLY A 123 -6.28 6.71 9.07
C GLY A 123 -6.99 6.42 10.37
N ASN A 124 -7.18 5.14 10.68
CA ASN A 124 -7.97 4.72 11.84
C ASN A 124 -7.35 3.49 12.50
N PRO A 125 -7.69 3.23 13.79
CA PRO A 125 -7.21 2.01 14.43
C PRO A 125 -7.84 0.79 13.79
N ALA A 126 -7.13 -0.34 13.82
CA ALA A 126 -7.66 -1.60 13.33
C ALA A 126 -8.90 -2.00 14.13
N SER A 127 -9.94 -2.46 13.43
CA SER A 127 -11.15 -2.98 14.07
C SER A 127 -10.94 -4.41 14.57
N ASP A 128 -9.99 -5.10 13.94
CA ASP A 128 -9.81 -6.54 14.14
C ASP A 128 -8.45 -6.88 14.74
N GLU A 129 -8.21 -8.17 14.94
CA GLU A 129 -6.92 -8.66 15.41
C GLU A 129 -5.87 -8.57 14.30
N ILE A 130 -4.71 -8.03 14.65
CA ILE A 130 -3.58 -8.01 13.75
C ILE A 130 -2.58 -9.09 14.17
N LYS A 131 -2.30 -10.01 13.26
CA LYS A 131 -1.33 -11.06 13.52
C LYS A 131 0.03 -10.74 12.90
N ARG A 132 1.07 -11.36 13.43
CA ARG A 132 2.43 -11.14 12.95
C ARG A 132 2.58 -11.60 11.51
N LEU A 133 3.11 -10.72 10.66
CA LEU A 133 3.40 -11.07 9.27
C LEU A 133 4.74 -11.76 9.16
N PRO A 134 4.90 -12.64 8.15
CA PRO A 134 6.23 -13.18 7.87
C PRO A 134 7.18 -12.04 7.53
N GLY A 135 8.38 -12.09 8.12
CA GLY A 135 9.40 -11.05 7.95
C GLY A 135 9.71 -10.68 6.50
N ASP A 136 9.54 -11.65 5.59
CA ASP A 136 9.78 -11.44 4.15
C ASP A 136 8.84 -10.41 3.52
N ILE A 137 7.69 -10.19 4.14
CA ILE A 137 6.78 -9.15 3.65
C ILE A 137 7.02 -7.86 4.44
N GLN A 138 7.72 -6.93 3.80
CA GLN A 138 8.06 -5.66 4.41
C GLN A 138 6.92 -4.67 4.25
N VAL A 139 6.44 -4.15 5.38
CA VAL A 139 5.32 -3.22 5.40
C VAL A 139 5.78 -1.85 5.87
N VAL A 140 5.50 -0.84 5.05
CA VAL A 140 5.71 0.55 5.40
C VAL A 140 4.33 1.18 5.61
N PRO A 141 3.90 1.29 6.88
CA PRO A 141 2.61 1.89 7.16
C PRO A 141 2.66 3.39 6.94
N ILE A 142 1.61 3.92 6.33
CA ILE A 142 1.44 5.35 6.15
C ILE A 142 0.21 5.76 6.97
N GLY A 143 0.48 6.30 8.15
CA GLY A 143 -0.57 6.71 9.08
C GLY A 143 -0.96 8.16 8.85
N VAL A 144 -2.15 8.35 8.31
CA VAL A 144 -2.61 9.68 7.93
C VAL A 144 -3.64 10.21 8.93
N GLY A 145 -3.42 11.43 9.40
CA GLY A 145 -4.38 12.11 10.26
C GLY A 145 -4.20 11.81 11.74
N PRO A 146 -5.02 12.47 12.59
CA PRO A 146 -4.91 12.38 14.04
C PRO A 146 -5.43 11.07 14.64
N ASN A 147 -6.15 10.28 13.84
CA ASN A 147 -6.84 9.08 14.35
C ASN A 147 -6.08 7.77 14.15
N ALA A 148 -4.89 7.85 13.56
CA ALA A 148 -4.05 6.68 13.37
C ALA A 148 -3.51 6.17 14.71
N ASN A 149 -3.52 4.86 14.89
CA ASN A 149 -2.94 4.21 16.05
C ASN A 149 -1.46 3.97 15.77
N VAL A 150 -0.62 4.90 16.21
CA VAL A 150 0.81 4.91 15.86
C VAL A 150 1.59 3.69 16.37
N GLN A 151 1.31 3.28 17.60
CA GLN A 151 1.99 2.12 18.20
C GLN A 151 1.61 0.81 17.49
N GLU A 152 0.35 0.73 17.07
CA GLU A 152 -0.13 -0.38 16.24
C GLU A 152 0.62 -0.43 14.91
N LEU A 153 0.82 0.73 14.28
CA LEU A 153 1.51 0.81 13.00
C LEU A 153 3.01 0.52 13.14
N GLU A 154 3.60 0.98 14.25
CA GLU A 154 5.01 0.69 14.55
C GLU A 154 5.27 -0.81 14.63
N ARG A 155 4.36 -1.53 15.28
CA ARG A 155 4.47 -2.99 15.44
C ARG A 155 4.29 -3.73 14.11
N ILE A 156 3.29 -3.33 13.33
CA ILE A 156 3.07 -3.84 11.98
C ILE A 156 4.30 -3.58 11.10
N GLY A 157 4.84 -2.37 11.20
CA GLY A 157 5.90 -1.91 10.32
C GLY A 157 7.29 -2.49 10.53
N TRP A 158 7.65 -2.80 11.79
CA TRP A 158 9.04 -3.17 12.11
C TRP A 158 9.64 -4.12 11.07
N PRO A 159 10.85 -3.81 10.56
CA PRO A 159 11.80 -2.75 10.95
C PRO A 159 11.51 -1.36 10.41
N ASN A 160 10.41 -1.19 9.68
CA ASN A 160 10.09 0.08 9.04
C ASN A 160 9.33 1.02 9.96
N ALA A 161 9.87 2.23 10.12
CA ALA A 161 9.16 3.29 10.83
C ALA A 161 7.94 3.68 10.00
N PRO A 162 6.79 3.89 10.67
CA PRO A 162 5.64 4.41 9.95
C PRO A 162 5.93 5.79 9.37
N ILE A 163 5.35 6.08 8.20
CA ILE A 163 5.38 7.42 7.63
C ILE A 163 4.10 8.12 8.09
N LEU A 164 4.26 9.14 8.93
CA LEU A 164 3.12 9.88 9.45
C LEU A 164 2.87 11.15 8.64
N ILE A 165 1.63 11.30 8.18
CA ILE A 165 1.20 12.42 7.36
C ILE A 165 0.06 13.14 8.08
N GLN A 166 0.15 14.47 8.16
CA GLN A 166 -0.80 15.29 8.93
C GLN A 166 -2.28 15.15 8.51
N ASP A 167 -2.51 15.05 7.20
CA ASP A 167 -3.87 14.89 6.67
C ASP A 167 -3.83 14.33 5.24
N PHE A 168 -5.00 13.96 4.71
CA PHE A 168 -5.09 13.38 3.36
C PHE A 168 -4.85 14.40 2.25
N GLU A 169 -5.01 15.69 2.57
CA GLU A 169 -4.66 16.77 1.65
C GLU A 169 -3.16 16.80 1.39
N THR A 170 -2.37 16.59 2.44
CA THR A 170 -0.92 16.61 2.36
C THR A 170 -0.36 15.32 1.72
N LEU A 171 -1.09 14.22 1.86
CA LEU A 171 -0.66 12.89 1.40
C LEU A 171 -0.10 12.84 -0.03
N PRO A 172 -0.86 13.31 -1.06
CA PRO A 172 -0.34 13.21 -2.42
C PRO A 172 0.83 14.16 -2.67
N ARG A 173 0.94 15.20 -1.86
CA ARG A 173 2.00 16.22 -2.00
C ARG A 173 3.32 15.78 -1.39
N GLU A 174 3.26 15.20 -0.18
CA GLU A 174 4.47 14.93 0.62
C GLU A 174 4.96 13.48 0.53
N ALA A 175 4.04 12.53 0.59
CA ALA A 175 4.37 11.11 0.73
C ALA A 175 5.09 10.42 -0.45
N PRO A 176 4.71 10.75 -1.70
CA PRO A 176 5.41 10.09 -2.83
C PRO A 176 6.94 10.15 -2.79
N ASP A 177 7.51 11.31 -2.47
CA ASP A 177 8.96 11.47 -2.33
C ASP A 177 9.54 10.50 -1.31
N LEU A 178 8.89 10.41 -0.14
CA LEU A 178 9.32 9.53 0.94
C LEU A 178 9.19 8.05 0.56
N VAL A 179 8.10 7.72 -0.13
CA VAL A 179 7.83 6.36 -0.60
C VAL A 179 8.90 5.87 -1.58
N LEU A 180 9.29 6.74 -2.52
CA LEU A 180 10.29 6.36 -3.52
C LEU A 180 11.71 6.25 -2.95
N GLN A 181 12.05 7.11 -1.99
CA GLN A 181 13.30 7.00 -1.25
C GLN A 181 13.38 5.62 -0.57
N ARG A 182 12.31 5.24 0.10
CA ARG A 182 12.22 3.94 0.79
C ARG A 182 12.31 2.79 -0.22
N CYS A 183 11.66 2.95 -1.37
CA CYS A 183 11.73 1.96 -2.45
C CYS A 183 13.18 1.72 -2.91
N SER A 184 13.87 2.80 -3.26
CA SER A 184 15.21 2.68 -3.85
C SER A 184 16.29 2.24 -2.87
N SER A 185 16.30 2.82 -1.67
CA SER A 185 17.33 2.53 -0.68
C SER A 185 17.04 1.25 0.12
N GLY A 186 15.75 0.95 0.32
CA GLY A 186 15.35 -0.19 1.14
C GLY A 186 15.17 0.15 2.60
N GLU A 187 15.40 1.43 2.95
CA GLU A 187 15.27 1.90 4.32
C GLU A 187 14.63 3.28 4.39
N GLY A 188 14.06 3.61 5.56
CA GLY A 188 13.46 4.92 5.79
C GLY A 188 14.51 5.99 5.99
N LEU A 189 14.06 7.22 6.25
CA LEU A 189 14.98 8.35 6.42
C LEU A 189 15.66 8.38 7.78
N GLU A 190 16.85 8.97 7.81
CA GLU A 190 17.68 9.19 9.02
C GLU A 190 17.64 8.10 10.08
NA NA B . 7.63 -11.45 -3.76
#